data_3KPP
#
_entry.id   3KPP
#
_cell.length_a   50.640
_cell.length_b   81.620
_cell.length_c   109.650
_cell.angle_alpha   90.000
_cell.angle_beta   90.000
_cell.angle_gamma   90.000
#
_symmetry.space_group_name_H-M   'P 21 21 21'
#
loop_
_entity.id
_entity.type
_entity.pdbx_description
1 polymer 'HLA class I histocompatibility antigen, B-44 alpha chain'
2 polymer Beta-2-microglobulin
3 polymer 'EEYLQAFTY, self peptide from the ATP binding cassette protein ABCD3'
4 non-polymer DI(HYDROXYETHYL)ETHER
5 water water
#
loop_
_entity_poly.entity_id
_entity_poly.type
_entity_poly.pdbx_seq_one_letter_code
_entity_poly.pdbx_strand_id
1 'polypeptide(L)'
;GSHSMRYFYTAMSRPGRGEPRFITVGYVDDTLFVRFDSDATSPRKEPRAPWIEQEGPEYWDRETQISKTNTQTYRENLRT
ALRYYNQSEAGSHIIQRMYGCDVGPDGRLLRGYDQYAYDGKDYIALNEDLSSWTAADTAAQITQRKWEAARVAEQDRAYL
EGLCVESLRRYLENGKETLQRADPPKTHVTHHPISDHEVTLRCWALGFYPAEITLTWQRDGEDQTQDTELVETRPAGDRT
FQKWAAVVVPSGEEQRYTCHVQHEGLPKPLTLRWEP
;
A
2 'polypeptide(L)'
;IQRTPKIQVYSRHPAENGKSNFLNCYVSGFHPSDIEVDLLKNGERIEKVEHSDLSFSKDWSFYLLYYTEFTPTEKDEYAC
RVNHVTLSQPKIVKWDRDM
;
B
3 'polypeptide(L)' EEYLQAFTY C
#
loop_
_chem_comp.id
_chem_comp.type
_chem_comp.name
_chem_comp.formula
PEG non-polymer DI(HYDROXYETHYL)ETHER 'C4 H10 O3'
#
# COMPACT_ATOMS: atom_id res chain seq x y z
N GLY A 1 -16.58 9.48 8.72
CA GLY A 1 -16.72 8.41 9.75
C GLY A 1 -15.40 8.22 10.48
N SER A 2 -14.94 6.97 10.54
N SER A 2 -14.95 6.98 10.55
CA SER A 2 -13.69 6.65 11.24
CA SER A 2 -13.70 6.66 11.26
C SER A 2 -12.48 6.91 10.35
C SER A 2 -12.48 6.91 10.36
N HIS A 3 -11.34 7.18 10.98
CA HIS A 3 -10.12 7.55 10.24
C HIS A 3 -8.88 6.90 10.84
N SER A 4 -7.84 6.79 10.03
CA SER A 4 -6.59 6.18 10.48
C SER A 4 -5.39 7.01 10.05
N MET A 5 -4.34 6.98 10.86
CA MET A 5 -3.05 7.49 10.47
C MET A 5 -2.05 6.37 10.66
N ARG A 6 -1.17 6.17 9.67
CA ARG A 6 -0.17 5.11 9.77
C ARG A 6 1.13 5.56 9.19
N TYR A 7 2.21 5.19 9.86
CA TYR A 7 3.56 5.41 9.34
C TYR A 7 4.14 4.04 9.05
N PHE A 8 4.80 3.94 7.90
CA PHE A 8 5.41 2.69 7.43
C PHE A 8 6.90 2.86 7.27
N TYR A 9 7.70 2.15 8.10
CA TYR A 9 9.16 2.15 7.98
C TYR A 9 9.63 0.92 7.22
N THR A 10 10.59 1.12 6.34
CA THR A 10 11.33 0.02 5.72
C THR A 10 12.83 0.32 5.84
N ALA A 11 13.55 -0.58 6.50
CA ALA A 11 15.01 -0.49 6.63
C ALA A 11 15.58 -1.73 5.96
N MET A 12 16.40 -1.51 4.92
N MET A 12 16.39 -1.51 4.91
CA MET A 12 16.89 -2.60 4.08
CA MET A 12 16.90 -2.58 4.06
C MET A 12 18.42 -2.58 4.06
C MET A 12 18.43 -2.57 4.07
N SER A 13 19.04 -3.65 4.57
CA SER A 13 20.49 -3.78 4.51
C SER A 13 20.89 -4.22 3.09
N ARG A 14 22.13 -3.94 2.72
CA ARG A 14 22.63 -4.13 1.36
C ARG A 14 24.14 -4.22 1.40
N PRO A 15 24.65 -5.34 1.96
CA PRO A 15 26.09 -5.51 2.19
C PRO A 15 26.88 -5.28 0.90
N GLY A 16 27.91 -4.44 0.99
CA GLY A 16 28.78 -4.13 -0.13
C GLY A 16 28.27 -2.95 -0.92
N ARG A 17 27.10 -2.45 -0.53
CA ARG A 17 26.46 -1.37 -1.27
C ARG A 17 26.03 -0.21 -0.37
N GLY A 18 26.84 0.06 0.65
CA GLY A 18 26.54 1.14 1.57
C GLY A 18 25.77 0.70 2.80
N GLU A 19 25.39 1.68 3.61
CA GLU A 19 24.65 1.44 4.84
C GLU A 19 23.20 1.19 4.49
N PRO A 20 22.46 0.51 5.39
CA PRO A 20 21.06 0.23 5.08
C PRO A 20 20.21 1.47 4.77
N ARG A 21 19.41 1.34 3.70
CA ARG A 21 18.44 2.36 3.31
C ARG A 21 17.28 2.36 4.27
N PHE A 22 16.83 3.56 4.65
CA PHE A 22 15.67 3.77 5.51
C PHE A 22 14.67 4.67 4.81
N ILE A 23 13.44 4.14 4.68
CA ILE A 23 12.32 4.82 4.04
C ILE A 23 11.14 4.88 5.02
N THR A 24 10.52 6.05 5.13
CA THR A 24 9.25 6.22 5.84
C THR A 24 8.22 6.81 4.88
N VAL A 25 7.00 6.30 4.96
CA VAL A 25 5.85 6.99 4.35
C VAL A 25 4.75 7.05 5.39
N GLY A 26 3.99 8.14 5.35
CA GLY A 26 2.87 8.35 6.26
C GLY A 26 1.60 8.49 5.46
N TYR A 27 0.54 7.86 5.96
CA TYR A 27 -0.77 7.91 5.34
C TYR A 27 -1.80 8.41 6.34
N VAL A 28 -2.79 9.15 5.85
CA VAL A 28 -4.04 9.30 6.57
C VAL A 28 -5.04 8.58 5.68
N ASP A 29 -5.76 7.61 6.25
CA ASP A 29 -6.60 6.71 5.43
C ASP A 29 -5.78 6.16 4.27
N ASP A 30 -6.27 6.30 3.02
CA ASP A 30 -5.49 5.83 1.86
C ASP A 30 -4.79 6.94 1.10
N THR A 31 -4.46 8.01 1.82
CA THR A 31 -3.80 9.17 1.25
C THR A 31 -2.39 9.32 1.81
N LEU A 32 -1.41 9.14 0.94
CA LEU A 32 -0.01 9.43 1.29
C LEU A 32 0.14 10.93 1.55
N PHE A 33 0.79 11.32 2.66
CA PHE A 33 0.95 12.74 2.97
C PHE A 33 2.37 13.18 3.28
N VAL A 34 3.26 12.24 3.63
CA VAL A 34 4.64 12.56 3.92
C VAL A 34 5.56 11.38 3.53
N ARG A 35 6.79 11.69 3.11
N ARG A 35 6.79 11.69 3.11
CA ARG A 35 7.81 10.68 2.84
CA ARG A 35 7.80 10.66 2.85
C ARG A 35 9.17 11.08 3.38
C ARG A 35 9.20 11.09 3.28
N PHE A 36 10.05 10.08 3.50
CA PHE A 36 11.46 10.27 3.86
C PHE A 36 12.23 9.10 3.24
N ASP A 37 13.36 9.39 2.60
CA ASP A 37 14.22 8.37 2.03
C ASP A 37 15.67 8.73 2.37
N SER A 38 16.37 7.85 3.08
CA SER A 38 17.77 8.12 3.42
C SER A 38 18.71 8.21 2.21
N ASP A 39 18.26 7.71 1.07
CA ASP A 39 19.03 7.80 -0.18
C ASP A 39 18.76 9.10 -0.93
N ALA A 40 17.88 9.95 -0.43
CA ALA A 40 17.64 11.27 -1.03
C ALA A 40 18.89 12.13 -1.01
N THR A 41 18.94 13.14 -1.89
CA THR A 41 20.15 13.94 -2.03
C THR A 41 20.45 14.67 -0.72
N SER A 42 19.40 15.27 -0.15
CA SER A 42 19.49 15.88 1.15
C SER A 42 18.25 15.39 1.88
N PRO A 43 18.32 14.19 2.49
CA PRO A 43 17.15 13.54 3.08
C PRO A 43 16.39 14.43 4.03
N ARG A 44 15.11 14.61 3.76
N ARG A 44 15.10 14.59 3.76
CA ARG A 44 14.21 15.16 4.76
CA ARG A 44 14.18 15.30 4.64
C ARG A 44 12.78 14.73 4.53
C ARG A 44 12.79 14.69 4.53
N LYS A 45 11.96 14.93 5.55
CA LYS A 45 10.53 14.69 5.46
C LYS A 45 9.96 15.65 4.43
N GLU A 46 9.21 15.10 3.48
CA GLU A 46 8.68 15.89 2.37
C GLU A 46 7.18 15.75 2.26
N PRO A 47 6.48 16.87 1.94
CA PRO A 47 5.03 16.81 1.81
C PRO A 47 4.64 16.03 0.55
N ARG A 48 3.55 15.27 0.63
N ARG A 48 3.56 15.26 0.64
CA ARG A 48 3.04 14.51 -0.50
CA ARG A 48 3.04 14.51 -0.50
C ARG A 48 1.55 14.75 -0.72
C ARG A 48 1.52 14.70 -0.66
N ALA A 49 0.98 15.68 0.05
CA ALA A 49 -0.42 16.04 -0.03
C ALA A 49 -0.52 17.55 0.24
N PRO A 50 -1.41 18.27 -0.46
CA PRO A 50 -1.47 19.72 -0.31
C PRO A 50 -1.73 20.18 1.12
N TRP A 51 -2.60 19.47 1.84
CA TRP A 51 -3.03 19.89 3.15
C TRP A 51 -1.94 19.83 4.24
N ILE A 52 -0.85 19.10 4.00
CA ILE A 52 0.28 19.04 4.96
C ILE A 52 1.29 20.20 4.75
N GLU A 53 1.19 20.89 3.63
CA GLU A 53 2.13 21.97 3.29
C GLU A 53 1.97 23.18 4.21
N GLN A 54 0.77 23.28 4.77
CA GLN A 54 0.38 24.20 5.84
C GLN A 54 1.28 24.20 7.06
N GLU A 55 1.90 23.07 7.35
CA GLU A 55 2.68 22.94 8.58
C GLU A 55 3.94 23.82 8.47
N GLY A 56 4.26 24.52 9.55
CA GLY A 56 5.38 25.43 9.52
C GLY A 56 6.73 24.73 9.39
N PRO A 57 7.81 25.51 9.24
CA PRO A 57 9.18 24.96 9.14
C PRO A 57 9.61 24.14 10.35
N GLU A 58 9.06 24.47 11.52
CA GLU A 58 9.43 23.79 12.75
C GLU A 58 8.98 22.32 12.72
N TYR A 59 7.76 22.09 12.22
CA TYR A 59 7.20 20.78 12.00
C TYR A 59 8.15 19.97 11.12
N TRP A 60 8.55 20.55 9.99
CA TRP A 60 9.40 19.85 9.03
C TRP A 60 10.79 19.50 9.55
N ASP A 61 11.37 20.44 10.30
CA ASP A 61 12.63 20.24 11.01
C ASP A 61 12.51 19.10 12.03
N ARG A 62 11.49 19.18 12.89
CA ARG A 62 11.25 18.17 13.92
C ARG A 62 11.04 16.77 13.32
N GLU A 63 10.20 16.71 12.29
CA GLU A 63 9.87 15.48 11.58
C GLU A 63 11.06 14.89 10.86
N THR A 64 11.85 15.76 10.24
CA THR A 64 13.09 15.36 9.61
C THR A 64 14.08 14.77 10.62
N GLN A 65 14.21 15.43 11.79
CA GLN A 65 15.14 14.94 12.81
C GLN A 65 14.79 13.53 13.30
N ILE A 66 13.49 13.26 13.46
CA ILE A 66 13.01 11.94 13.87
C ILE A 66 13.46 10.87 12.87
N SER A 67 13.20 11.13 11.58
CA SER A 67 13.58 10.22 10.52
C SER A 67 15.09 10.03 10.43
N LYS A 68 15.86 11.11 10.64
CA LYS A 68 17.31 11.04 10.57
C LYS A 68 17.90 10.20 11.70
N THR A 69 17.34 10.37 12.91
CA THR A 69 17.67 9.50 14.04
C THR A 69 17.21 8.04 13.80
N ASN A 70 16.01 7.85 13.26
CA ASN A 70 15.53 6.52 12.86
C ASN A 70 16.48 5.81 11.90
N THR A 71 17.03 6.54 10.93
CA THR A 71 17.96 5.90 10.00
C THR A 71 19.07 5.19 10.80
N GLN A 72 19.57 5.87 11.83
CA GLN A 72 20.66 5.32 12.66
C GLN A 72 20.15 4.21 13.58
N THR A 73 19.03 4.45 14.26
CA THR A 73 18.31 3.44 15.05
C THR A 73 18.10 2.13 14.28
N TYR A 74 17.50 2.22 13.09
CA TYR A 74 17.16 0.99 12.35
C TYR A 74 18.39 0.26 11.75
N ARG A 75 19.46 1.01 11.53
CA ARG A 75 20.76 0.40 11.22
C ARG A 75 21.28 -0.44 12.40
N GLU A 76 21.18 0.09 13.62
N GLU A 76 21.18 0.11 13.61
CA GLU A 76 21.51 -0.69 14.79
CA GLU A 76 21.48 -0.65 14.82
C GLU A 76 20.56 -1.89 14.96
C GLU A 76 20.55 -1.87 14.98
N ASN A 77 19.26 -1.67 14.74
CA ASN A 77 18.27 -2.77 14.82
C ASN A 77 18.64 -3.91 13.87
N LEU A 78 19.05 -3.56 12.64
CA LEU A 78 19.43 -4.58 11.65
C LEU A 78 20.64 -5.36 12.11
N ARG A 79 21.64 -4.65 12.66
CA ARG A 79 22.85 -5.32 13.16
C ARG A 79 22.49 -6.26 14.29
N THR A 80 21.62 -5.81 15.18
CA THR A 80 21.18 -6.61 16.32
C THR A 80 20.43 -7.86 15.89
N ALA A 81 19.49 -7.70 14.93
CA ALA A 81 18.75 -8.84 14.40
C ALA A 81 19.64 -9.94 13.80
N LEU A 82 20.74 -9.55 13.12
CA LEU A 82 21.72 -10.50 12.62
C LEU A 82 22.25 -11.36 13.75
N ARG A 83 22.59 -10.74 14.89
CA ARG A 83 23.12 -11.51 16.00
C ARG A 83 22.04 -12.44 16.58
N TYR A 84 20.83 -11.91 16.77
CA TYR A 84 19.71 -12.65 17.36
C TYR A 84 19.32 -13.88 16.55
N TYR A 85 19.57 -13.83 15.26
CA TYR A 85 19.24 -14.96 14.37
C TYR A 85 20.48 -15.71 13.88
N ASN A 86 21.64 -15.39 14.45
CA ASN A 86 22.91 -16.05 14.09
C ASN A 86 23.17 -16.01 12.59
N GLN A 87 22.92 -14.84 11.98
CA GLN A 87 23.04 -14.75 10.52
C GLN A 87 24.34 -14.09 10.10
N SER A 88 24.78 -14.38 8.88
CA SER A 88 26.01 -13.80 8.39
C SER A 88 25.80 -12.38 7.90
N GLU A 89 26.88 -11.62 7.87
CA GLU A 89 26.83 -10.25 7.38
C GLU A 89 26.80 -10.15 5.85
N ALA A 90 26.72 -11.28 5.17
CA ALA A 90 26.74 -11.31 3.70
C ALA A 90 25.37 -11.04 3.07
N GLY A 91 24.31 -11.30 3.82
CA GLY A 91 22.95 -11.26 3.29
C GLY A 91 22.25 -9.94 3.54
N SER A 92 21.29 -9.62 2.67
CA SER A 92 20.46 -8.45 2.79
C SER A 92 19.21 -8.81 3.59
N HIS A 93 18.87 -7.94 4.53
CA HIS A 93 17.71 -8.15 5.40
C HIS A 93 16.85 -6.91 5.50
N ILE A 94 15.59 -7.12 5.89
CA ILE A 94 14.64 -6.01 5.95
C ILE A 94 13.92 -5.98 7.30
N ILE A 95 13.97 -4.82 7.96
CA ILE A 95 13.06 -4.58 9.09
C ILE A 95 11.95 -3.66 8.62
N GLN A 96 10.73 -3.95 9.03
CA GLN A 96 9.60 -3.09 8.75
C GLN A 96 8.87 -2.75 10.02
N ARG A 97 8.26 -1.59 10.05
CA ARG A 97 7.42 -1.20 11.15
C ARG A 97 6.21 -0.48 10.59
N MET A 98 5.05 -0.77 11.16
N MET A 98 5.04 -0.80 11.15
CA MET A 98 3.85 0.03 10.90
CA MET A 98 3.85 0.02 10.93
C MET A 98 3.16 0.39 12.21
C MET A 98 3.26 0.41 12.27
N TYR A 99 3.00 1.70 12.46
CA TYR A 99 2.39 2.19 13.69
C TYR A 99 1.45 3.37 13.44
N GLY A 100 0.59 3.65 14.40
CA GLY A 100 -0.39 4.71 14.23
C GLY A 100 -1.64 4.44 15.02
N CYS A 101 -2.69 5.19 14.70
CA CYS A 101 -3.90 5.20 15.50
C CYS A 101 -5.11 5.27 14.59
N ASP A 102 -6.21 4.74 15.10
CA ASP A 102 -7.52 4.87 14.46
C ASP A 102 -8.36 5.71 15.40
N VAL A 103 -9.09 6.65 14.81
CA VAL A 103 -10.07 7.46 15.54
C VAL A 103 -11.50 7.25 15.01
N GLY A 104 -12.49 7.43 15.90
CA GLY A 104 -13.90 7.39 15.50
C GLY A 104 -14.39 8.69 14.89
N PRO A 105 -15.65 8.72 14.41
CA PRO A 105 -16.24 9.95 13.86
C PRO A 105 -16.10 11.17 14.79
N ASP A 106 -16.18 10.94 16.09
CA ASP A 106 -15.93 11.95 17.11
C ASP A 106 -14.44 12.26 17.43
N GLY A 107 -13.52 11.62 16.72
CA GLY A 107 -12.09 11.89 16.88
C GLY A 107 -11.43 11.21 18.07
N ARG A 108 -12.19 10.41 18.81
CA ARG A 108 -11.64 9.65 19.95
C ARG A 108 -10.82 8.45 19.47
N LEU A 109 -9.79 8.10 20.23
CA LEU A 109 -8.97 6.92 19.93
C LEU A 109 -9.81 5.65 19.93
N LEU A 110 -9.78 4.93 18.81
CA LEU A 110 -10.42 3.62 18.69
C LEU A 110 -9.44 2.51 19.03
N ARG A 111 -8.24 2.63 18.46
CA ARG A 111 -7.14 1.76 18.82
C ARG A 111 -5.79 2.22 18.26
N GLY A 112 -4.72 1.84 18.95
CA GLY A 112 -3.36 2.18 18.53
C GLY A 112 -2.62 0.94 18.06
N TYR A 113 -1.59 1.15 17.25
CA TYR A 113 -0.78 0.05 16.70
C TYR A 113 0.70 0.40 16.73
N ASP A 114 1.50 -0.64 16.93
CA ASP A 114 2.95 -0.59 16.73
C ASP A 114 3.48 -1.99 16.51
N GLN A 115 3.66 -2.33 15.24
CA GLN A 115 4.07 -3.67 14.82
C GLN A 115 5.37 -3.64 14.04
N TYR A 116 6.19 -4.65 14.26
CA TYR A 116 7.49 -4.75 13.63
C TYR A 116 7.63 -6.10 12.96
N ALA A 117 8.39 -6.13 11.86
CA ALA A 117 8.66 -7.34 11.10
C ALA A 117 10.16 -7.49 10.85
N TYR A 118 10.57 -8.73 10.63
CA TYR A 118 11.93 -8.98 10.17
C TYR A 118 11.86 -9.95 9.03
N ASP A 119 12.47 -9.56 7.91
CA ASP A 119 12.37 -10.32 6.65
C ASP A 119 10.95 -10.76 6.30
N GLY A 120 10.00 -9.84 6.50
CA GLY A 120 8.61 -10.08 6.15
C GLY A 120 7.81 -10.95 7.10
N LYS A 121 8.40 -11.30 8.24
CA LYS A 121 7.71 -12.09 9.24
C LYS A 121 7.49 -11.25 10.48
N ASP A 122 6.36 -11.46 11.14
CA ASP A 122 6.10 -10.82 12.44
C ASP A 122 7.32 -10.97 13.32
N TYR A 123 7.68 -9.87 13.98
CA TYR A 123 8.77 -9.90 14.94
C TYR A 123 8.21 -9.58 16.34
N ILE A 124 7.76 -8.36 16.55
CA ILE A 124 7.16 -7.93 17.82
C ILE A 124 6.05 -6.92 17.54
N ALA A 125 5.00 -6.95 18.34
CA ALA A 125 3.84 -6.09 18.14
C ALA A 125 3.33 -5.63 19.49
N LEU A 126 3.01 -4.35 19.59
CA LEU A 126 2.34 -3.83 20.78
C LEU A 126 0.93 -4.39 20.81
N ASN A 127 0.51 -4.90 21.96
CA ASN A 127 -0.85 -5.43 22.04
C ASN A 127 -1.87 -4.29 22.08
N GLU A 128 -3.13 -4.63 21.87
CA GLU A 128 -4.18 -3.63 21.80
C GLU A 128 -4.31 -2.83 23.10
N ASP A 129 -3.93 -3.46 24.22
CA ASP A 129 -3.88 -2.79 25.53
C ASP A 129 -2.89 -1.64 25.59
N LEU A 130 -2.00 -1.56 24.59
CA LEU A 130 -0.92 -0.56 24.53
C LEU A 130 -0.03 -0.59 25.77
N SER A 131 0.10 -1.76 26.38
N SER A 131 0.08 -1.76 26.40
CA SER A 131 0.87 -1.90 27.61
CA SER A 131 0.86 -1.91 27.64
C SER A 131 1.82 -3.09 27.55
C SER A 131 1.62 -3.23 27.73
N SER A 132 1.48 -4.08 26.72
CA SER A 132 2.22 -5.34 26.66
C SER A 132 2.56 -5.68 25.21
N TRP A 133 3.45 -6.66 25.03
CA TRP A 133 3.96 -7.05 23.70
C TRP A 133 3.69 -8.50 23.37
N THR A 134 3.47 -8.78 22.08
CA THR A 134 3.53 -10.14 21.54
C THR A 134 4.79 -10.26 20.70
N ALA A 135 5.71 -11.12 21.14
CA ALA A 135 6.93 -11.50 20.42
C ALA A 135 6.71 -12.82 19.65
N ALA A 136 7.16 -12.82 18.41
CA ALA A 136 6.88 -13.94 17.49
C ALA A 136 7.82 -15.13 17.73
N ASP A 137 8.94 -14.90 18.38
CA ASP A 137 9.95 -15.95 18.51
C ASP A 137 10.95 -15.60 19.62
N THR A 138 11.95 -16.45 19.84
CA THR A 138 12.85 -16.23 20.98
C THR A 138 13.78 -15.02 20.81
N ALA A 139 14.03 -14.63 19.55
CA ALA A 139 14.81 -13.44 19.28
C ALA A 139 14.02 -12.19 19.67
N ALA A 140 12.77 -12.11 19.21
CA ALA A 140 11.91 -10.99 19.57
C ALA A 140 11.64 -10.91 21.08
N GLN A 141 11.66 -12.07 21.77
CA GLN A 141 11.54 -12.09 23.24
C GLN A 141 12.67 -11.35 23.92
N ILE A 142 13.84 -11.30 23.28
CA ILE A 142 14.98 -10.55 23.83
C ILE A 142 14.71 -9.04 23.71
N THR A 143 14.18 -8.63 22.57
CA THR A 143 13.75 -7.23 22.39
C THR A 143 12.64 -6.90 23.40
N GLN A 144 11.68 -7.83 23.55
CA GLN A 144 10.56 -7.65 24.47
C GLN A 144 11.03 -7.34 25.90
N ARG A 145 11.99 -8.13 26.40
CA ARG A 145 12.59 -7.91 27.71
C ARG A 145 13.25 -6.54 27.83
N LYS A 146 14.04 -6.15 26.83
CA LYS A 146 14.63 -4.82 26.81
C LYS A 146 13.57 -3.72 26.83
N TRP A 147 12.52 -3.89 26.04
CA TRP A 147 11.49 -2.89 25.88
C TRP A 147 10.62 -2.79 27.12
N GLU A 148 10.35 -3.94 27.73
CA GLU A 148 9.70 -3.98 29.04
C GLU A 148 10.51 -3.22 30.08
N ALA A 149 11.81 -3.51 30.19
CA ALA A 149 12.68 -2.76 31.10
C ALA A 149 12.75 -1.25 30.80
N ALA A 150 12.71 -0.90 29.53
CA ALA A 150 12.80 0.52 29.12
C ALA A 150 11.47 1.25 29.04
N ARG A 151 10.38 0.57 29.40
N ARG A 151 10.40 0.54 29.40
CA ARG A 151 9.02 1.15 29.37
CA ARG A 151 9.01 1.04 29.37
C ARG A 151 8.63 1.71 27.99
C ARG A 151 8.64 1.67 28.02
N VAL A 152 8.97 0.96 26.94
CA VAL A 152 8.68 1.43 25.58
C VAL A 152 7.15 1.52 25.36
N ALA A 153 6.42 0.53 25.87
CA ALA A 153 4.96 0.50 25.70
C ALA A 153 4.31 1.77 26.25
N GLU A 154 4.81 2.27 27.38
N GLU A 154 4.81 2.26 27.38
CA GLU A 154 4.28 3.49 28.02
CA GLU A 154 4.30 3.49 28.03
C GLU A 154 4.48 4.72 27.14
C GLU A 154 4.47 4.70 27.13
N GLN A 155 5.62 4.77 26.46
CA GLN A 155 5.95 5.85 25.55
C GLN A 155 5.11 5.76 24.28
N ASP A 156 4.91 4.54 23.77
CA ASP A 156 3.99 4.28 22.66
C ASP A 156 2.55 4.71 23.01
N ARG A 157 2.07 4.25 24.16
CA ARG A 157 0.72 4.58 24.62
C ARG A 157 0.54 6.09 24.76
N ALA A 158 1.54 6.79 25.31
CA ALA A 158 1.47 8.26 25.45
C ALA A 158 1.31 8.93 24.09
N TYR A 159 2.07 8.46 23.11
CA TYR A 159 1.97 8.95 21.75
C TYR A 159 0.60 8.63 21.12
N LEU A 160 0.20 7.37 21.22
CA LEU A 160 -1.03 6.89 20.57
C LEU A 160 -2.29 7.59 21.09
N GLU A 161 -2.32 7.87 22.40
CA GLU A 161 -3.49 8.49 23.01
C GLU A 161 -3.43 10.02 22.94
N GLY A 162 -2.22 10.55 22.74
CA GLY A 162 -1.98 12.02 22.66
C GLY A 162 -1.70 12.55 21.25
N LEU A 163 -0.43 12.71 20.91
CA LEU A 163 -0.03 13.31 19.63
C LEU A 163 -0.62 12.65 18.38
N CYS A 164 -0.72 11.32 18.40
CA CYS A 164 -1.21 10.59 17.24
C CYS A 164 -2.64 11.06 16.89
N VAL A 165 -3.54 11.00 17.87
CA VAL A 165 -4.93 11.43 17.65
C VAL A 165 -5.04 12.95 17.44
N GLU A 166 -4.20 13.72 18.14
CA GLU A 166 -4.25 15.18 18.04
C GLU A 166 -3.82 15.65 16.64
N SER A 167 -2.73 15.09 16.12
CA SER A 167 -2.21 15.50 14.80
C SER A 167 -3.17 14.99 13.69
N LEU A 168 -3.67 13.77 13.85
CA LEU A 168 -4.63 13.22 12.89
C LEU A 168 -5.93 14.06 12.81
N ARG A 169 -6.43 14.50 13.97
CA ARG A 169 -7.58 15.43 14.02
C ARG A 169 -7.33 16.73 13.25
N ARG A 170 -6.16 17.33 13.45
CA ARG A 170 -5.70 18.51 12.70
C ARG A 170 -5.59 18.24 11.18
N TYR A 171 -4.96 17.12 10.78
CA TYR A 171 -4.85 16.74 9.37
C TYR A 171 -6.22 16.60 8.71
N LEU A 172 -7.15 15.93 9.41
CA LEU A 172 -8.53 15.75 8.97
C LEU A 172 -9.23 17.06 8.73
N GLU A 173 -9.02 18.02 9.63
CA GLU A 173 -9.58 19.35 9.47
C GLU A 173 -8.92 20.09 8.29
N ASN A 174 -7.59 20.14 8.28
CA ASN A 174 -6.88 20.78 7.17
C ASN A 174 -7.16 20.17 5.80
N GLY A 175 -7.34 18.85 5.75
CA GLY A 175 -7.59 18.17 4.49
C GLY A 175 -9.03 17.74 4.29
N LYS A 176 -9.97 18.46 4.92
CA LYS A 176 -11.40 18.05 4.91
C LYS A 176 -12.03 17.95 3.51
N GLU A 177 -11.53 18.75 2.56
N GLU A 177 -11.55 18.74 2.54
CA GLU A 177 -11.98 18.73 1.17
CA GLU A 177 -12.06 18.70 1.18
C GLU A 177 -11.88 17.31 0.59
C GLU A 177 -11.82 17.33 0.50
N THR A 178 -10.81 16.60 0.97
CA THR A 178 -10.45 15.32 0.38
C THR A 178 -10.47 14.13 1.34
N LEU A 179 -9.87 14.30 2.52
CA LEU A 179 -9.85 13.21 3.50
C LEU A 179 -11.24 12.89 4.02
N GLN A 180 -12.13 13.87 4.03
CA GLN A 180 -13.50 13.67 4.45
C GLN A 180 -14.51 13.63 3.28
N ARG A 181 -14.02 13.29 2.09
CA ARG A 181 -14.87 13.07 0.93
C ARG A 181 -14.68 11.67 0.39
N ALA A 182 -15.78 10.92 0.35
CA ALA A 182 -15.79 9.64 -0.31
C ALA A 182 -16.22 9.84 -1.76
N ASP A 183 -15.51 9.22 -2.69
CA ASP A 183 -15.92 9.22 -4.09
C ASP A 183 -16.46 7.83 -4.42
N PRO A 184 -17.75 7.74 -4.82
CA PRO A 184 -18.33 6.44 -5.11
C PRO A 184 -17.72 5.86 -6.38
N PRO A 185 -17.72 4.52 -6.50
CA PRO A 185 -17.23 3.93 -7.73
C PRO A 185 -18.18 4.25 -8.90
N LYS A 186 -17.61 4.44 -10.08
CA LYS A 186 -18.35 4.42 -11.33
C LYS A 186 -18.32 2.96 -11.78
N THR A 187 -19.49 2.40 -12.10
CA THR A 187 -19.57 0.96 -12.29
C THR A 187 -20.19 0.57 -13.63
N HIS A 188 -19.73 -0.57 -14.18
CA HIS A 188 -20.36 -1.17 -15.34
C HIS A 188 -19.96 -2.64 -15.45
N VAL A 189 -20.74 -3.37 -16.24
CA VAL A 189 -20.49 -4.78 -16.54
C VAL A 189 -20.19 -4.94 -18.02
N THR A 190 -19.05 -5.53 -18.32
CA THR A 190 -18.73 -5.90 -19.70
C THR A 190 -18.99 -7.39 -19.94
N HIS A 191 -19.09 -7.74 -21.22
CA HIS A 191 -19.45 -9.08 -21.67
C HIS A 191 -18.46 -9.41 -22.79
N HIS A 192 -17.76 -10.54 -22.63
CA HIS A 192 -16.83 -11.04 -23.67
C HIS A 192 -17.05 -12.53 -23.87
N PRO A 193 -17.61 -12.93 -25.03
CA PRO A 193 -17.65 -14.36 -25.35
C PRO A 193 -16.27 -15.02 -25.30
N ILE A 194 -16.15 -16.12 -24.55
CA ILE A 194 -14.93 -16.92 -24.50
C ILE A 194 -14.93 -17.88 -25.70
N SER A 195 -16.04 -18.61 -25.82
CA SER A 195 -16.24 -19.58 -26.85
C SER A 195 -17.73 -19.51 -27.20
N ASP A 196 -18.24 -20.45 -27.99
CA ASP A 196 -19.66 -20.49 -28.33
C ASP A 196 -20.60 -20.65 -27.13
N HIS A 197 -20.10 -21.20 -26.03
CA HIS A 197 -20.96 -21.57 -24.93
C HIS A 197 -20.48 -21.01 -23.58
N GLU A 198 -19.42 -20.19 -23.61
CA GLU A 198 -18.94 -19.52 -22.41
C GLU A 198 -18.70 -18.05 -22.69
N VAL A 199 -19.08 -17.20 -21.73
N VAL A 199 -19.01 -17.22 -21.69
CA VAL A 199 -18.81 -15.77 -21.82
CA VAL A 199 -18.91 -15.76 -21.75
C VAL A 199 -18.26 -15.23 -20.51
C VAL A 199 -18.25 -15.23 -20.47
N THR A 200 -17.43 -14.19 -20.59
CA THR A 200 -16.90 -13.48 -19.42
C THR A 200 -17.77 -12.26 -19.13
N LEU A 201 -18.26 -12.20 -17.90
CA LEU A 201 -18.92 -11.02 -17.38
C LEU A 201 -17.94 -10.41 -16.41
N ARG A 202 -17.62 -9.13 -16.61
CA ARG A 202 -16.65 -8.46 -15.75
C ARG A 202 -17.27 -7.20 -15.19
N CYS A 203 -17.30 -7.11 -13.86
CA CYS A 203 -17.92 -6.01 -13.18
C CYS A 203 -16.82 -5.05 -12.74
N TRP A 204 -16.92 -3.80 -13.19
CA TRP A 204 -15.89 -2.81 -12.95
C TRP A 204 -16.31 -1.79 -11.93
N ALA A 205 -15.37 -1.40 -11.08
CA ALA A 205 -15.54 -0.25 -10.19
C ALA A 205 -14.32 0.65 -10.41
N LEU A 206 -14.56 1.93 -10.76
CA LEU A 206 -13.51 2.88 -11.16
C LEU A 206 -13.72 4.21 -10.45
N GLY A 207 -12.62 4.91 -10.18
CA GLY A 207 -12.68 6.26 -9.64
C GLY A 207 -13.13 6.37 -8.20
N PHE A 208 -13.00 5.31 -7.41
CA PHE A 208 -13.44 5.37 -6.02
C PHE A 208 -12.35 5.72 -4.95
N TYR A 209 -12.81 6.36 -3.87
CA TYR A 209 -12.01 6.71 -2.71
C TYR A 209 -12.93 6.67 -1.47
N PRO A 210 -12.53 5.97 -0.40
CA PRO A 210 -11.28 5.27 -0.13
C PRO A 210 -11.24 3.91 -0.84
N ALA A 211 -10.19 3.14 -0.61
CA ALA A 211 -9.93 1.93 -1.37
C ALA A 211 -10.85 0.78 -0.98
N GLU A 212 -11.36 0.79 0.26
CA GLU A 212 -12.21 -0.31 0.73
C GLU A 212 -13.45 -0.41 -0.16
N ILE A 213 -13.71 -1.62 -0.65
CA ILE A 213 -14.84 -1.86 -1.55
C ILE A 213 -15.15 -3.34 -1.55
N THR A 214 -16.40 -3.71 -1.78
CA THR A 214 -16.71 -5.11 -2.01
C THR A 214 -17.44 -5.25 -3.33
N LEU A 215 -16.93 -6.18 -4.15
CA LEU A 215 -17.49 -6.53 -5.44
C LEU A 215 -17.76 -8.02 -5.41
N THR A 216 -19.00 -8.41 -5.66
CA THR A 216 -19.32 -9.83 -5.65
C THR A 216 -20.35 -10.13 -6.73
N TRP A 217 -20.16 -11.30 -7.37
CA TRP A 217 -21.08 -11.84 -8.34
C TRP A 217 -21.95 -12.88 -7.65
N GLN A 218 -23.24 -12.82 -7.93
CA GLN A 218 -24.17 -13.84 -7.49
C GLN A 218 -24.73 -14.51 -8.73
N ARG A 219 -24.95 -15.83 -8.61
CA ARG A 219 -25.71 -16.59 -9.60
C ARG A 219 -26.98 -17.06 -8.90
N ASP A 220 -28.11 -16.61 -9.41
CA ASP A 220 -29.43 -16.92 -8.85
C ASP A 220 -29.44 -16.52 -7.39
N GLY A 221 -28.81 -15.38 -7.09
CA GLY A 221 -28.75 -14.85 -5.73
C GLY A 221 -27.74 -15.48 -4.79
N GLU A 222 -26.96 -16.45 -5.30
CA GLU A 222 -25.92 -17.13 -4.51
C GLU A 222 -24.55 -16.60 -4.87
N ASP A 223 -23.81 -16.14 -3.86
CA ASP A 223 -22.45 -15.60 -4.06
C ASP A 223 -21.56 -16.63 -4.76
N GLN A 224 -20.85 -16.18 -5.79
CA GLN A 224 -19.97 -17.02 -6.58
C GLN A 224 -18.52 -16.90 -6.15
N THR A 225 -18.30 -16.98 -4.84
CA THR A 225 -16.96 -16.81 -4.25
C THR A 225 -15.89 -17.65 -4.92
N GLN A 226 -16.11 -18.96 -4.98
CA GLN A 226 -15.11 -19.86 -5.54
C GLN A 226 -14.90 -19.67 -7.04
N ASP A 227 -15.86 -19.12 -7.75
CA ASP A 227 -15.76 -19.02 -9.21
C ASP A 227 -15.47 -17.61 -9.75
N THR A 228 -15.36 -16.64 -8.85
CA THR A 228 -15.09 -15.25 -9.24
C THR A 228 -13.59 -14.96 -9.31
N GLU A 229 -13.17 -14.33 -10.40
CA GLU A 229 -11.82 -13.79 -10.50
C GLU A 229 -11.85 -12.36 -10.01
N LEU A 230 -11.15 -12.11 -8.90
CA LEU A 230 -11.17 -10.82 -8.26
C LEU A 230 -9.75 -10.27 -8.29
N VAL A 231 -9.52 -9.13 -8.94
CA VAL A 231 -8.18 -8.55 -8.89
C VAL A 231 -7.99 -7.67 -7.67
N GLU A 232 -6.74 -7.50 -7.27
N GLU A 232 -6.74 -7.50 -7.27
CA GLU A 232 -6.39 -6.60 -6.18
CA GLU A 232 -6.41 -6.62 -6.16
C GLU A 232 -6.80 -5.17 -6.53
C GLU A 232 -6.75 -5.18 -6.51
N THR A 233 -7.38 -4.49 -5.54
CA THR A 233 -7.70 -3.08 -5.65
C THR A 233 -6.41 -2.32 -6.01
N ARG A 234 -6.49 -1.46 -7.00
CA ARG A 234 -5.30 -0.85 -7.58
C ARG A 234 -5.43 0.67 -7.68
N PRO A 235 -4.32 1.39 -7.43
CA PRO A 235 -4.30 2.85 -7.53
C PRO A 235 -4.31 3.33 -9.00
N ALA A 236 -5.22 4.26 -9.29
CA ALA A 236 -5.31 4.87 -10.61
C ALA A 236 -4.23 5.94 -10.79
N GLY A 237 -3.74 6.46 -9.67
CA GLY A 237 -2.68 7.46 -9.69
C GLY A 237 -3.18 8.88 -9.51
N ASP A 238 -4.49 9.05 -9.43
CA ASP A 238 -5.10 10.36 -9.16
C ASP A 238 -5.84 10.40 -7.80
N ARG A 239 -5.36 9.61 -6.85
CA ARG A 239 -5.96 9.38 -5.53
C ARG A 239 -7.01 8.28 -5.49
N THR A 240 -7.65 8.01 -6.63
CA THR A 240 -8.73 7.04 -6.66
C THR A 240 -8.22 5.62 -6.91
N PHE A 241 -9.14 4.66 -6.80
CA PHE A 241 -8.81 3.23 -6.96
C PHE A 241 -9.70 2.56 -7.99
N GLN A 242 -9.29 1.37 -8.39
CA GLN A 242 -10.01 0.60 -9.40
C GLN A 242 -10.04 -0.85 -8.91
N LYS A 243 -11.11 -1.56 -9.30
CA LYS A 243 -11.18 -3.00 -9.06
C LYS A 243 -12.16 -3.60 -10.06
N TRP A 244 -11.93 -4.86 -10.38
CA TRP A 244 -12.93 -5.66 -11.08
C TRP A 244 -13.03 -7.08 -10.56
N ALA A 245 -14.15 -7.72 -10.90
CA ALA A 245 -14.49 -9.08 -10.51
C ALA A 245 -15.07 -9.70 -11.76
N ALA A 246 -14.69 -10.93 -12.09
CA ALA A 246 -15.17 -11.56 -13.31
C ALA A 246 -15.61 -12.99 -13.07
N VAL A 247 -16.65 -13.41 -13.77
CA VAL A 247 -17.10 -14.79 -13.77
C VAL A 247 -17.20 -15.26 -15.21
N VAL A 248 -16.95 -16.56 -15.43
CA VAL A 248 -17.23 -17.17 -16.71
C VAL A 248 -18.59 -17.84 -16.58
N VAL A 249 -19.49 -17.49 -17.49
CA VAL A 249 -20.88 -17.92 -17.37
C VAL A 249 -21.32 -18.65 -18.65
N PRO A 250 -22.23 -19.64 -18.50
CA PRO A 250 -22.75 -20.30 -19.70
C PRO A 250 -23.55 -19.33 -20.58
N SER A 251 -23.33 -19.40 -21.90
CA SER A 251 -24.12 -18.61 -22.86
C SER A 251 -25.60 -18.81 -22.64
N GLY A 252 -26.35 -17.71 -22.73
CA GLY A 252 -27.77 -17.75 -22.45
C GLY A 252 -28.11 -17.70 -20.96
N GLU A 253 -27.10 -17.75 -20.07
CA GLU A 253 -27.35 -17.64 -18.63
C GLU A 253 -26.91 -16.32 -17.99
N GLU A 254 -26.52 -15.35 -18.82
CA GLU A 254 -25.98 -14.07 -18.34
C GLU A 254 -26.92 -13.36 -17.37
N GLN A 255 -28.24 -13.45 -17.61
CA GLN A 255 -29.17 -12.70 -16.79
C GLN A 255 -29.38 -13.30 -15.40
N ARG A 256 -28.84 -14.49 -15.17
CA ARG A 256 -28.92 -15.11 -13.85
C ARG A 256 -27.81 -14.60 -12.93
N TYR A 257 -27.00 -13.70 -13.47
CA TYR A 257 -25.87 -13.17 -12.74
C TYR A 257 -26.04 -11.71 -12.39
N THR A 258 -25.75 -11.37 -11.15
CA THR A 258 -25.78 -9.98 -10.70
C THR A 258 -24.50 -9.62 -9.97
N CYS A 259 -23.99 -8.44 -10.30
CA CYS A 259 -22.84 -7.86 -9.61
C CYS A 259 -23.29 -6.97 -8.46
N HIS A 260 -22.65 -7.15 -7.31
CA HIS A 260 -23.02 -6.41 -6.12
C HIS A 260 -21.85 -5.56 -5.63
N VAL A 261 -22.13 -4.27 -5.40
CA VAL A 261 -21.09 -3.27 -5.10
C VAL A 261 -21.40 -2.56 -3.80
N GLN A 262 -20.48 -2.65 -2.84
CA GLN A 262 -20.59 -1.91 -1.60
C GLN A 262 -19.40 -0.97 -1.48
N HIS A 263 -19.69 0.28 -1.16
CA HIS A 263 -18.68 1.30 -0.98
C HIS A 263 -19.23 2.40 -0.12
N GLU A 264 -18.38 2.90 0.76
CA GLU A 264 -18.80 3.92 1.70
C GLU A 264 -19.43 5.14 1.01
N GLY A 265 -19.00 5.43 -0.22
CA GLY A 265 -19.53 6.54 -1.01
C GLY A 265 -20.90 6.30 -1.63
N LEU A 266 -21.40 5.08 -1.50
CA LEU A 266 -22.70 4.72 -2.06
C LEU A 266 -23.75 4.76 -0.93
N PRO A 267 -24.85 5.51 -1.14
CA PRO A 267 -25.93 5.55 -0.14
C PRO A 267 -26.51 4.15 0.15
N LYS A 268 -26.49 3.29 -0.85
CA LYS A 268 -26.94 1.89 -0.72
C LYS A 268 -26.15 0.99 -1.65
N PRO A 269 -26.01 -0.30 -1.30
CA PRO A 269 -25.24 -1.16 -2.21
C PRO A 269 -25.91 -1.22 -3.58
N LEU A 270 -25.10 -1.37 -4.62
CA LEU A 270 -25.58 -1.42 -6.00
C LEU A 270 -25.66 -2.82 -6.55
N THR A 271 -26.71 -3.07 -7.33
CA THR A 271 -26.85 -4.32 -8.06
C THR A 271 -26.74 -3.97 -9.55
N LEU A 272 -25.80 -4.61 -10.24
CA LEU A 272 -25.64 -4.45 -11.70
C LEU A 272 -25.81 -5.78 -12.44
N ARG A 273 -26.34 -5.70 -13.66
CA ARG A 273 -26.40 -6.85 -14.57
C ARG A 273 -25.74 -6.51 -15.89
N TRP A 274 -25.41 -7.52 -16.68
CA TRP A 274 -25.04 -7.29 -18.07
C TRP A 274 -26.22 -6.62 -18.80
N GLU A 275 -25.94 -5.47 -19.42
CA GLU A 275 -26.95 -4.72 -20.17
C GLU A 275 -26.68 -4.83 -21.68
N PRO A 276 -27.21 -5.88 -22.33
CA PRO A 276 -26.91 -6.15 -23.74
C PRO A 276 -27.49 -5.07 -24.66
N ILE B 1 11.45 -15.38 4.21
CA ILE B 1 10.96 -16.01 2.93
C ILE B 1 10.68 -14.99 1.82
N GLN B 2 10.47 -15.49 0.62
CA GLN B 2 10.29 -14.63 -0.54
C GLN B 2 8.90 -14.80 -1.15
N ARG B 3 8.32 -13.69 -1.62
CA ARG B 3 6.99 -13.67 -2.18
C ARG B 3 7.01 -13.00 -3.54
N THR B 4 6.32 -13.60 -4.52
CA THR B 4 6.41 -13.15 -5.91
C THR B 4 5.41 -12.02 -6.20
N PRO B 5 5.83 -11.00 -6.97
CA PRO B 5 4.91 -9.88 -7.22
C PRO B 5 3.68 -10.27 -8.03
N LYS B 6 2.53 -9.74 -7.59
CA LYS B 6 1.37 -9.63 -8.46
C LYS B 6 1.56 -8.46 -9.42
N ILE B 7 1.09 -8.62 -10.65
CA ILE B 7 1.36 -7.60 -11.69
C ILE B 7 0.09 -7.21 -12.39
N GLN B 8 -0.19 -5.91 -12.43
CA GLN B 8 -1.31 -5.39 -13.23
C GLN B 8 -0.85 -4.21 -14.06
N VAL B 9 -1.15 -4.27 -15.35
CA VAL B 9 -0.89 -3.19 -16.30
C VAL B 9 -2.22 -2.64 -16.78
N TYR B 10 -2.40 -1.34 -16.65
CA TYR B 10 -3.71 -0.73 -16.88
C TYR B 10 -3.54 0.77 -17.05
N SER B 11 -4.60 1.44 -17.50
CA SER B 11 -4.54 2.89 -17.65
C SER B 11 -5.32 3.60 -16.53
N ARG B 12 -4.91 4.83 -16.25
CA ARG B 12 -5.57 5.63 -15.22
C ARG B 12 -7.03 5.88 -15.60
N HIS B 13 -7.25 6.31 -16.84
CA HIS B 13 -8.59 6.58 -17.37
C HIS B 13 -8.92 5.53 -18.44
N PRO B 14 -10.22 5.32 -18.74
CA PRO B 14 -10.56 4.41 -19.85
C PRO B 14 -9.79 4.84 -21.11
N ALA B 15 -9.28 3.87 -21.85
CA ALA B 15 -8.43 4.16 -23.01
C ALA B 15 -9.26 4.69 -24.15
N GLU B 16 -8.79 5.79 -24.75
CA GLU B 16 -9.45 6.36 -25.92
C GLU B 16 -8.35 6.78 -26.89
N ASN B 17 -8.25 6.06 -28.02
CA ASN B 17 -7.20 6.30 -29.02
C ASN B 17 -6.96 7.78 -29.29
N GLY B 18 -5.68 8.16 -29.38
CA GLY B 18 -5.29 9.54 -29.62
C GLY B 18 -5.52 10.47 -28.44
N LYS B 19 -6.01 9.92 -27.33
CA LYS B 19 -6.21 10.71 -26.11
C LYS B 19 -5.20 10.35 -25.00
N SER B 20 -4.46 11.38 -24.57
CA SER B 20 -3.44 11.27 -23.52
C SER B 20 -4.02 10.71 -22.23
N ASN B 21 -3.21 9.93 -21.52
CA ASN B 21 -3.68 9.09 -20.43
C ASN B 21 -2.45 8.76 -19.58
N PHE B 22 -2.59 7.84 -18.64
CA PHE B 22 -1.44 7.31 -17.90
C PHE B 22 -1.45 5.81 -17.97
N LEU B 23 -0.30 5.25 -18.29
CA LEU B 23 -0.11 3.80 -18.29
C LEU B 23 0.51 3.45 -16.94
N ASN B 24 -0.15 2.55 -16.23
CA ASN B 24 0.25 2.16 -14.89
C ASN B 24 0.69 0.72 -14.90
N CYS B 25 1.71 0.43 -14.09
CA CYS B 25 2.03 -0.92 -13.69
C CYS B 25 2.06 -0.95 -12.18
N TYR B 26 1.15 -1.75 -11.63
CA TYR B 26 1.03 -1.91 -10.19
C TYR B 26 1.59 -3.26 -9.80
N VAL B 27 2.66 -3.25 -9.02
CA VAL B 27 3.24 -4.47 -8.50
C VAL B 27 2.97 -4.54 -7.00
N SER B 28 2.47 -5.68 -6.55
CA SER B 28 2.10 -5.85 -5.14
C SER B 28 2.34 -7.27 -4.66
N GLY B 29 2.33 -7.44 -3.33
CA GLY B 29 2.41 -8.77 -2.76
C GLY B 29 3.79 -9.36 -2.73
N PHE B 30 4.82 -8.57 -3.04
CA PHE B 30 6.17 -9.07 -3.16
C PHE B 30 7.02 -8.81 -1.92
N HIS B 31 8.06 -9.63 -1.76
CA HIS B 31 9.03 -9.56 -0.68
C HIS B 31 10.22 -10.46 -1.07
N PRO B 32 11.46 -9.95 -0.97
CA PRO B 32 11.91 -8.62 -0.52
C PRO B 32 11.55 -7.45 -1.47
N SER B 33 12.03 -6.25 -1.14
CA SER B 33 11.54 -5.03 -1.80
C SER B 33 12.19 -4.69 -3.16
N ASP B 34 13.42 -5.17 -3.38
CA ASP B 34 14.08 -4.93 -4.64
C ASP B 34 13.22 -5.46 -5.76
N ILE B 35 12.95 -4.60 -6.72
CA ILE B 35 12.17 -5.02 -7.88
C ILE B 35 12.57 -4.15 -9.06
N GLU B 36 12.54 -4.74 -10.25
CA GLU B 36 12.85 -4.06 -11.50
C GLU B 36 11.57 -4.03 -12.32
N VAL B 37 11.13 -2.83 -12.71
CA VAL B 37 9.89 -2.69 -13.46
C VAL B 37 10.08 -1.72 -14.62
N ASP B 38 9.89 -2.23 -15.84
CA ASP B 38 9.92 -1.37 -17.02
C ASP B 38 8.56 -1.32 -17.68
N LEU B 39 8.21 -0.15 -18.19
CA LEU B 39 7.08 -0.02 -19.09
C LEU B 39 7.62 0.02 -20.51
N LEU B 40 7.01 -0.80 -21.37
CA LEU B 40 7.46 -1.00 -22.75
C LEU B 40 6.42 -0.48 -23.73
N LYS B 41 6.91 0.23 -24.75
CA LYS B 41 6.08 0.63 -25.88
C LYS B 41 6.62 -0.07 -27.13
N ASN B 42 5.81 -0.95 -27.70
CA ASN B 42 6.21 -1.81 -28.83
C ASN B 42 7.52 -2.54 -28.55
N GLY B 43 7.61 -3.12 -27.34
CA GLY B 43 8.76 -3.92 -26.91
C GLY B 43 10.01 -3.17 -26.43
N GLU B 44 10.00 -1.85 -26.56
CA GLU B 44 11.13 -1.01 -26.14
C GLU B 44 10.80 -0.26 -24.85
N ARG B 45 11.81 -0.06 -24.00
N ARG B 45 11.81 -0.07 -24.01
CA ARG B 45 11.61 0.58 -22.71
CA ARG B 45 11.63 0.56 -22.69
C ARG B 45 11.28 2.05 -22.84
C ARG B 45 11.31 2.05 -22.81
N ILE B 46 10.22 2.46 -22.17
CA ILE B 46 9.84 3.86 -22.09
C ILE B 46 10.80 4.52 -21.11
N GLU B 47 11.35 5.67 -21.50
CA GLU B 47 12.28 6.38 -20.64
C GLU B 47 11.54 7.21 -19.61
N LYS B 48 12.18 7.43 -18.47
CA LYS B 48 11.69 8.36 -17.44
C LYS B 48 10.30 8.01 -16.86
N VAL B 49 10.07 6.71 -16.64
CA VAL B 49 8.92 6.23 -15.91
C VAL B 49 9.12 6.59 -14.44
N GLU B 50 8.06 7.07 -13.77
CA GLU B 50 8.15 7.38 -12.34
C GLU B 50 7.54 6.25 -11.50
N HIS B 51 7.77 6.28 -10.19
CA HIS B 51 7.13 5.34 -9.30
C HIS B 51 6.88 5.93 -7.93
N SER B 52 5.90 5.34 -7.26
CA SER B 52 5.53 5.69 -5.90
C SER B 52 6.62 5.35 -4.88
N ASP B 53 6.48 5.95 -3.70
CA ASP B 53 7.36 5.70 -2.57
C ASP B 53 7.05 4.30 -2.01
N LEU B 54 8.10 3.52 -1.71
CA LEU B 54 7.94 2.15 -1.22
C LEU B 54 7.03 2.08 0.02
N SER B 55 5.98 1.27 -0.07
N SER B 55 5.99 1.26 -0.08
CA SER B 55 5.11 1.03 1.07
CA SER B 55 5.03 1.05 0.99
C SER B 55 4.67 -0.42 1.06
C SER B 55 4.75 -0.43 1.12
N PHE B 56 3.92 -0.82 2.08
CA PHE B 56 3.55 -2.22 2.22
C PHE B 56 2.21 -2.41 2.92
N SER B 57 1.63 -3.59 2.70
CA SER B 57 0.33 -3.99 3.21
C SER B 57 0.46 -4.61 4.59
N LYS B 58 -0.68 -4.95 5.20
CA LYS B 58 -0.76 -5.44 6.56
C LYS B 58 -0.02 -6.77 6.71
N ASP B 59 0.16 -7.46 5.59
CA ASP B 59 0.89 -8.72 5.61
C ASP B 59 2.39 -8.52 5.37
N TRP B 60 2.82 -7.24 5.40
CA TRP B 60 4.24 -6.86 5.19
C TRP B 60 4.71 -6.89 3.72
N SER B 61 3.84 -7.29 2.79
CA SER B 61 4.27 -7.39 1.41
C SER B 61 4.25 -6.00 0.79
N PHE B 62 5.19 -5.76 -0.12
CA PHE B 62 5.41 -4.43 -0.68
C PHE B 62 4.52 -4.17 -1.86
N TYR B 63 4.30 -2.89 -2.13
CA TYR B 63 3.62 -2.49 -3.34
C TYR B 63 4.20 -1.18 -3.86
N LEU B 64 4.17 -1.06 -5.18
CA LEU B 64 4.71 0.06 -5.93
C LEU B 64 3.86 0.29 -7.17
N LEU B 65 3.65 1.55 -7.48
CA LEU B 65 3.03 1.95 -8.71
C LEU B 65 4.08 2.60 -9.61
N TYR B 66 4.24 2.06 -10.81
CA TYR B 66 5.08 2.64 -11.86
C TYR B 66 4.15 3.22 -12.91
N TYR B 67 4.50 4.39 -13.45
CA TYR B 67 3.54 5.07 -14.32
C TYR B 67 4.24 6.05 -15.25
N THR B 68 3.67 6.19 -16.44
CA THR B 68 4.14 7.15 -17.42
C THR B 68 2.94 7.67 -18.20
N GLU B 69 3.02 8.94 -18.63
CA GLU B 69 2.07 9.52 -19.58
C GLU B 69 2.16 8.79 -20.90
N PHE B 70 1.01 8.55 -21.54
CA PHE B 70 0.98 7.86 -22.82
C PHE B 70 -0.30 8.17 -23.58
N THR B 71 -0.21 8.18 -24.91
CA THR B 71 -1.39 8.36 -25.73
C THR B 71 -1.64 7.06 -26.51
N PRO B 72 -2.61 6.26 -26.05
CA PRO B 72 -2.91 5.01 -26.72
C PRO B 72 -3.40 5.26 -28.14
N THR B 73 -2.97 4.39 -29.05
CA THR B 73 -3.46 4.38 -30.42
C THR B 73 -3.93 2.96 -30.74
N GLU B 74 -4.52 2.79 -31.92
CA GLU B 74 -4.94 1.47 -32.40
C GLU B 74 -3.76 0.51 -32.49
N LYS B 75 -2.65 0.98 -33.06
CA LYS B 75 -1.53 0.12 -33.43
C LYS B 75 -0.51 -0.17 -32.31
N ASP B 76 -0.30 0.82 -31.43
CA ASP B 76 0.75 0.71 -30.41
C ASP B 76 0.46 -0.31 -29.34
N GLU B 77 1.44 -1.19 -29.10
CA GLU B 77 1.35 -2.19 -28.07
C GLU B 77 2.13 -1.76 -26.83
N TYR B 78 1.51 -1.92 -25.67
CA TYR B 78 2.16 -1.63 -24.40
C TYR B 78 2.21 -2.84 -23.48
N ALA B 79 3.24 -2.86 -22.62
CA ALA B 79 3.46 -3.95 -21.67
C ALA B 79 4.21 -3.46 -20.42
N CYS B 80 4.23 -4.32 -19.40
CA CYS B 80 5.09 -4.15 -18.23
C CYS B 80 6.05 -5.35 -18.23
N ARG B 81 7.31 -5.12 -17.91
CA ARG B 81 8.24 -6.23 -17.68
C ARG B 81 8.78 -6.13 -16.27
N VAL B 82 8.64 -7.23 -15.53
CA VAL B 82 8.97 -7.23 -14.11
C VAL B 82 9.99 -8.31 -13.82
N ASN B 83 11.06 -7.92 -13.12
CA ASN B 83 11.97 -8.92 -12.54
C ASN B 83 12.02 -8.77 -11.03
N HIS B 84 12.18 -9.92 -10.36
CA HIS B 84 12.23 -10.00 -8.91
C HIS B 84 13.05 -11.24 -8.59
N VAL B 85 13.67 -11.26 -7.42
CA VAL B 85 14.51 -12.40 -7.01
C VAL B 85 13.74 -13.73 -7.15
N THR B 86 12.43 -13.71 -6.88
CA THR B 86 11.57 -14.90 -7.01
C THR B 86 11.33 -15.38 -8.45
N LEU B 87 11.78 -14.60 -9.43
CA LEU B 87 11.54 -14.91 -10.85
C LEU B 87 12.85 -15.27 -11.55
N SER B 88 12.89 -16.48 -12.09
CA SER B 88 14.07 -16.99 -12.81
C SER B 88 14.23 -16.28 -14.15
N GLN B 89 13.14 -15.71 -14.65
CA GLN B 89 13.14 -14.90 -15.86
C GLN B 89 12.17 -13.74 -15.68
N PRO B 90 12.44 -12.58 -16.32
CA PRO B 90 11.51 -11.46 -16.28
C PRO B 90 10.15 -11.84 -16.87
N LYS B 91 9.10 -11.35 -16.22
CA LYS B 91 7.73 -11.59 -16.62
C LYS B 91 7.21 -10.41 -17.42
N ILE B 92 6.64 -10.69 -18.59
CA ILE B 92 5.99 -9.66 -19.38
C ILE B 92 4.47 -9.80 -19.33
N VAL B 93 3.81 -8.70 -18.98
CA VAL B 93 2.36 -8.66 -18.96
C VAL B 93 1.93 -7.57 -19.93
N LYS B 94 1.19 -7.96 -20.96
CA LYS B 94 0.73 -7.01 -21.99
C LYS B 94 -0.43 -6.18 -21.48
N TRP B 95 -0.48 -4.92 -21.92
CA TRP B 95 -1.62 -4.09 -21.61
C TRP B 95 -2.81 -4.50 -22.48
N ASP B 96 -3.97 -4.52 -21.85
CA ASP B 96 -5.19 -4.90 -22.51
C ASP B 96 -6.22 -3.94 -21.97
N ARG B 97 -6.75 -3.08 -22.84
CA ARG B 97 -7.64 -2.01 -22.37
C ARG B 97 -8.93 -2.52 -21.73
N ASP B 98 -9.07 -3.84 -21.64
CA ASP B 98 -10.23 -4.48 -21.00
C ASP B 98 -9.88 -5.20 -19.70
N MET B 99 -8.72 -4.87 -19.13
CA MET B 99 -8.21 -5.52 -17.91
C MET B 99 -7.60 -4.52 -16.90
N GLU C 1 1.78 13.42 12.72
CA GLU C 1 3.10 13.58 13.39
C GLU C 1 3.62 12.30 14.01
N GLU C 2 4.93 12.11 13.89
CA GLU C 2 5.63 10.98 14.50
C GLU C 2 6.13 11.33 15.90
N TYR C 3 6.65 10.34 16.60
CA TYR C 3 7.43 10.61 17.80
C TYR C 3 8.66 9.73 17.71
N LEU C 4 9.70 10.08 18.45
CA LEU C 4 10.95 9.32 18.40
C LEU C 4 10.95 8.16 19.38
N GLN C 5 10.90 6.94 18.86
CA GLN C 5 11.08 5.76 19.70
C GLN C 5 12.53 5.32 19.47
N ALA C 6 13.40 5.68 20.41
CA ALA C 6 14.84 5.56 20.19
C ALA C 6 15.44 4.26 20.70
N PHE C 7 14.65 3.47 21.42
CA PHE C 7 15.13 2.20 21.95
C PHE C 7 15.24 1.13 20.89
N THR C 8 16.44 0.54 20.82
CA THR C 8 16.75 -0.44 19.79
C THR C 8 16.40 -1.86 20.23
N TYR C 9 16.53 -2.80 19.30
CA TYR C 9 16.15 -4.20 19.51
C TYR C 9 16.99 -4.89 20.57
C1 PEG D . -0.53 0.27 3.60
O1 PEG D . -0.87 -0.95 4.25
C2 PEG D . -1.73 0.97 3.01
O2 PEG D . -1.65 2.37 3.27
C3 PEG D . -2.91 2.92 3.70
C4 PEG D . -3.53 2.07 4.80
O4 PEG D . -3.09 2.49 6.09
C1 PEG E . 12.05 2.55 -4.26
O1 PEG E . 12.12 1.12 -4.18
C2 PEG E . 11.40 3.04 -2.96
O2 PEG E . 10.83 4.33 -3.11
C3 PEG E . 11.05 5.11 -1.93
C4 PEG E . 11.49 6.51 -2.31
O4 PEG E . 10.37 7.41 -2.18
#